data_1CG6
#
_entry.id   1CG6
#
_cell.length_a   122.830
_cell.length_b   122.830
_cell.length_c   45.000
_cell.angle_alpha   90.00
_cell.angle_beta   90.00
_cell.angle_gamma   120.00
#
_symmetry.space_group_name_H-M   'P 3 2 1'
#
loop_
_entity.id
_entity.type
_entity.pdbx_description
1 polymer "PROTEIN (5'-DEOXY-5'-METHYLTHIOADENOSINE PHOSPHORYLASE)"
2 non-polymer 'SULFATE ION'
3 non-polymer "5'-DEOXY-5'-METHYLTHIOADENOSINE"
4 water water
#
_entity_poly.entity_id   1
_entity_poly.type   'polypeptide(L)'
_entity_poly.pdbx_seq_one_letter_code
;MASGTTTTAVKIGIIGGTGLDDPEILEGRTEKYVDTPFGKPSDALILGKIKNVDCVLLARHGRQHTIMPSKVNYQANIWA
LKEEGCTHVIVTTACGSLREEIQPGDIVIIDQFIDRTTMRPQSFYDGSHSCARGVCHIPMAEPFCPKTREVLIETAKKLG
LRCHSKGTMVTIEGPRFSSRAESFMFRTWGADVINMTTVPEVVLAKEAGICYASIAMATDYDCWKEHEEAVSVDRVLKTL
KENANKAKSLLLTTIPQIGSTEWSETLHNLKNMAQFSVLLPRH
;
_entity_poly.pdbx_strand_id   A
#
loop_
_chem_comp.id
_chem_comp.type
_chem_comp.name
_chem_comp.formula
MTA non-polymer 5'-DEOXY-5'-METHYLTHIOADENOSINE 'C11 H15 N5 O3 S'
SO4 non-polymer 'SULFATE ION' 'O4 S -2'
#
# COMPACT_ATOMS: atom_id res chain seq x y z
N ALA A 9 -1.72 -20.11 -9.66
CA ALA A 9 -0.73 -19.82 -8.58
C ALA A 9 -0.64 -18.32 -8.31
N VAL A 10 -0.56 -17.96 -7.03
CA VAL A 10 -0.44 -16.56 -6.64
C VAL A 10 0.91 -16.27 -6.01
N LYS A 11 1.32 -15.02 -6.05
CA LYS A 11 2.57 -14.57 -5.46
C LYS A 11 2.26 -13.21 -4.86
N ILE A 12 2.40 -13.10 -3.54
CA ILE A 12 2.07 -11.86 -2.82
C ILE A 12 3.23 -10.92 -2.56
N GLY A 13 3.13 -9.70 -3.09
CA GLY A 13 4.14 -8.70 -2.83
C GLY A 13 3.70 -7.99 -1.55
N ILE A 14 4.65 -7.63 -0.70
CA ILE A 14 4.34 -6.94 0.56
C ILE A 14 5.24 -5.72 0.70
N ILE A 15 4.63 -4.54 0.75
CA ILE A 15 5.40 -3.30 0.91
C ILE A 15 5.20 -2.81 2.34
N GLY A 16 6.28 -2.80 3.12
CA GLY A 16 6.20 -2.38 4.51
C GLY A 16 6.43 -0.91 4.75
N GLY A 17 5.53 -0.31 5.54
CA GLY A 17 5.62 1.11 5.86
C GLY A 17 6.55 1.41 7.02
N THR A 18 6.41 2.62 7.58
CA THR A 18 7.24 3.07 8.70
C THR A 18 7.06 2.16 9.91
N GLY A 19 8.13 1.50 10.33
CA GLY A 19 8.08 0.60 11.47
C GLY A 19 7.11 -0.55 11.33
N LEU A 20 6.87 -0.98 10.09
CA LEU A 20 5.94 -2.08 9.80
C LEU A 20 6.53 -2.95 8.69
N ASP A 21 7.86 -2.99 8.62
CA ASP A 21 8.59 -3.75 7.62
C ASP A 21 9.59 -4.79 8.15
N ASP A 22 9.10 -5.73 8.96
CA ASP A 22 9.95 -6.78 9.54
C ASP A 22 10.10 -7.99 8.59
N PRO A 23 11.32 -8.24 8.08
CA PRO A 23 11.62 -9.35 7.18
C PRO A 23 11.46 -10.74 7.78
N GLU A 24 11.52 -10.82 9.10
CA GLU A 24 11.39 -12.09 9.81
C GLU A 24 9.99 -12.69 9.66
N ILE A 25 9.13 -12.03 8.90
CA ILE A 25 7.78 -12.51 8.66
C ILE A 25 7.80 -13.65 7.63
N LEU A 26 8.87 -13.71 6.84
CA LEU A 26 8.99 -14.76 5.81
C LEU A 26 9.98 -15.86 6.21
N GLU A 27 9.72 -17.08 5.75
CA GLU A 27 10.61 -18.21 6.00
C GLU A 27 11.38 -18.51 4.71
N GLY A 28 12.58 -19.06 4.85
CA GLY A 28 13.41 -19.37 3.68
C GLY A 28 13.79 -18.14 2.88
N ARG A 29 14.20 -17.09 3.59
CA ARG A 29 14.58 -15.82 2.99
C ARG A 29 15.85 -15.75 2.15
N THR A 30 15.77 -14.94 1.09
CA THR A 30 16.87 -14.70 0.17
C THR A 30 16.78 -13.26 -0.34
N GLU A 31 17.87 -12.51 -0.16
CA GLU A 31 17.98 -11.11 -0.60
C GLU A 31 18.26 -11.04 -2.09
N LYS A 32 17.70 -10.05 -2.78
CA LYS A 32 17.88 -9.89 -4.22
C LYS A 32 17.70 -8.46 -4.70
N TYR A 33 18.81 -7.84 -5.14
CA TYR A 33 18.78 -6.48 -5.66
C TYR A 33 18.43 -6.51 -7.14
N VAL A 34 17.50 -5.65 -7.56
CA VAL A 34 17.09 -5.58 -8.96
C VAL A 34 17.08 -4.15 -9.49
N ASP A 35 16.92 -4.04 -10.80
CA ASP A 35 16.86 -2.74 -11.45
C ASP A 35 15.64 -2.71 -12.35
N THR A 36 15.14 -1.51 -12.64
CA THR A 36 13.96 -1.37 -13.48
C THR A 36 14.18 -0.23 -14.47
N PRO A 37 13.36 -0.15 -15.54
CA PRO A 37 13.49 0.93 -16.53
C PRO A 37 13.26 2.29 -15.87
N PHE A 38 12.65 2.28 -14.69
CA PHE A 38 12.37 3.50 -13.96
C PHE A 38 13.36 3.78 -12.82
N GLY A 39 14.42 2.99 -12.75
CA GLY A 39 15.44 3.17 -11.73
C GLY A 39 15.44 2.07 -10.68
N LYS A 40 16.19 2.27 -9.61
CA LYS A 40 16.30 1.29 -8.53
C LYS A 40 15.17 1.37 -7.49
N PRO A 41 14.70 0.20 -6.99
CA PRO A 41 13.64 0.17 -5.98
C PRO A 41 14.21 0.68 -4.66
N SER A 42 13.34 0.98 -3.69
CA SER A 42 13.77 1.48 -2.38
C SER A 42 14.89 0.69 -1.72
N ASP A 43 14.85 -0.63 -1.89
CA ASP A 43 15.87 -1.52 -1.32
C ASP A 43 15.76 -2.87 -2.01
N ALA A 44 16.50 -3.85 -1.49
CA ALA A 44 16.50 -5.20 -2.05
C ALA A 44 15.17 -5.90 -1.81
N LEU A 45 14.79 -6.78 -2.73
CA LEU A 45 13.56 -7.55 -2.59
C LEU A 45 13.95 -8.75 -1.71
N ILE A 46 13.06 -9.14 -0.81
CA ILE A 46 13.30 -10.29 0.06
C ILE A 46 12.33 -11.40 -0.35
N LEU A 47 12.87 -12.46 -0.94
CA LEU A 47 12.06 -13.60 -1.39
C LEU A 47 11.90 -14.66 -0.30
N GLY A 48 10.68 -15.15 -0.10
CA GLY A 48 10.44 -16.16 0.91
C GLY A 48 9.03 -16.72 0.87
N LYS A 49 8.61 -17.34 1.96
CA LYS A 49 7.26 -17.92 2.05
C LYS A 49 6.59 -17.78 3.41
N ILE A 50 5.27 -17.89 3.38
CA ILE A 50 4.42 -17.86 4.56
C ILE A 50 3.58 -19.11 4.26
N LYS A 51 3.84 -20.19 5.02
CA LYS A 51 3.18 -21.48 4.82
C LYS A 51 3.63 -21.94 3.43
N ASN A 52 2.70 -22.15 2.51
CA ASN A 52 3.09 -22.60 1.16
C ASN A 52 3.00 -21.52 0.07
N VAL A 53 2.76 -20.28 0.47
CA VAL A 53 2.63 -19.18 -0.49
C VAL A 53 3.91 -18.36 -0.70
N ASP A 54 4.26 -18.16 -1.97
CA ASP A 54 5.44 -17.38 -2.35
C ASP A 54 5.17 -15.89 -2.11
N CYS A 55 6.11 -15.23 -1.44
CA CYS A 55 5.98 -13.80 -1.14
C CYS A 55 7.25 -13.02 -1.47
N VAL A 56 7.09 -11.71 -1.66
CA VAL A 56 8.20 -10.80 -1.96
C VAL A 56 8.01 -9.57 -1.08
N LEU A 57 8.96 -9.33 -0.19
CA LEU A 57 8.91 -8.20 0.75
C LEU A 57 9.81 -7.03 0.33
N LEU A 58 9.31 -5.82 0.51
CA LEU A 58 10.04 -4.61 0.13
C LEU A 58 9.76 -3.48 1.14
N ALA A 59 10.84 -2.84 1.63
CA ALA A 59 10.71 -1.73 2.58
C ALA A 59 10.54 -0.42 1.80
N ARG A 60 9.37 0.21 1.93
CA ARG A 60 9.07 1.45 1.21
C ARG A 60 10.10 2.58 1.37
N HIS A 61 10.59 2.77 2.61
CA HIS A 61 11.54 3.83 2.90
C HIS A 61 12.98 3.36 3.04
N GLY A 62 13.24 2.11 2.65
CA GLY A 62 14.56 1.54 2.77
C GLY A 62 14.69 0.92 4.16
N ARG A 63 15.60 -0.04 4.32
CA ARG A 63 15.80 -0.70 5.61
C ARG A 63 16.16 0.24 6.76
N GLN A 64 16.89 1.30 6.45
CA GLN A 64 17.30 2.27 7.46
C GLN A 64 16.43 3.54 7.48
N HIS A 65 15.31 3.50 6.76
CA HIS A 65 14.39 4.63 6.66
C HIS A 65 15.13 5.95 6.37
N THR A 66 15.58 6.07 5.13
CA THR A 66 16.34 7.23 4.69
C THR A 66 15.68 7.99 3.52
N ILE A 67 14.50 7.53 3.11
CA ILE A 67 13.80 8.15 1.98
C ILE A 67 12.46 8.79 2.39
N MET A 68 12.32 10.09 2.14
CA MET A 68 11.09 10.81 2.46
C MET A 68 10.00 10.43 1.46
N PRO A 69 8.72 10.49 1.87
CA PRO A 69 7.58 10.16 1.01
C PRO A 69 7.60 10.70 -0.42
N SER A 70 8.00 11.96 -0.56
CA SER A 70 8.07 12.64 -1.86
C SER A 70 9.12 12.03 -2.80
N LYS A 71 10.16 11.43 -2.20
CA LYS A 71 11.26 10.85 -2.95
C LYS A 71 11.21 9.34 -3.21
N VAL A 72 10.20 8.66 -2.69
CA VAL A 72 10.07 7.22 -2.90
C VAL A 72 9.84 6.96 -4.40
N ASN A 73 10.56 5.99 -4.96
CA ASN A 73 10.43 5.63 -6.36
C ASN A 73 9.31 4.60 -6.50
N TYR A 74 8.06 5.09 -6.44
CA TYR A 74 6.87 4.26 -6.52
C TYR A 74 6.82 3.45 -7.83
N GLN A 75 7.28 4.06 -8.93
CA GLN A 75 7.30 3.39 -10.23
C GLN A 75 8.20 2.15 -10.20
N ALA A 76 9.42 2.33 -9.70
CA ALA A 76 10.39 1.24 -9.61
C ALA A 76 9.92 0.13 -8.67
N ASN A 77 9.32 0.52 -7.53
CA ASN A 77 8.83 -0.45 -6.57
C ASN A 77 7.74 -1.35 -7.14
N ILE A 78 6.72 -0.76 -7.78
CA ILE A 78 5.64 -1.54 -8.37
C ILE A 78 6.13 -2.36 -9.56
N TRP A 79 6.99 -1.77 -10.39
CA TRP A 79 7.53 -2.47 -11.57
C TRP A 79 8.34 -3.72 -11.16
N ALA A 80 9.18 -3.58 -10.14
CA ALA A 80 10.01 -4.68 -9.64
C ALA A 80 9.16 -5.86 -9.13
N LEU A 81 8.08 -5.55 -8.41
CA LEU A 81 7.19 -6.59 -7.88
C LEU A 81 6.44 -7.30 -9.02
N LYS A 82 5.99 -6.53 -10.01
CA LYS A 82 5.29 -7.07 -11.17
C LYS A 82 6.23 -8.01 -11.95
N GLU A 83 7.48 -7.57 -12.11
CA GLU A 83 8.51 -8.31 -12.82
C GLU A 83 8.88 -9.62 -12.12
N GLU A 84 8.75 -9.64 -10.80
CA GLU A 84 9.07 -10.83 -10.02
C GLU A 84 7.93 -11.85 -10.08
N GLY A 85 6.80 -11.45 -10.64
CA GLY A 85 5.67 -12.36 -10.76
C GLY A 85 4.52 -12.14 -9.79
N CYS A 86 4.53 -11.03 -9.05
CA CYS A 86 3.46 -10.77 -8.08
C CYS A 86 2.08 -10.57 -8.71
N THR A 87 1.10 -11.28 -8.17
CA THR A 87 -0.28 -11.19 -8.62
C THR A 87 -1.04 -10.26 -7.68
N HIS A 88 -0.60 -10.23 -6.42
CA HIS A 88 -1.20 -9.41 -5.37
C HIS A 88 -0.13 -8.57 -4.68
N VAL A 89 -0.55 -7.44 -4.12
CA VAL A 89 0.33 -6.56 -3.36
C VAL A 89 -0.47 -6.03 -2.17
N ILE A 90 -0.04 -6.41 -0.96
CA ILE A 90 -0.70 -5.95 0.27
C ILE A 90 0.34 -5.10 1.00
N VAL A 91 -0.04 -3.89 1.39
CA VAL A 91 0.90 -3.00 2.06
C VAL A 91 0.47 -2.57 3.45
N THR A 92 1.41 -2.00 4.19
CA THR A 92 1.14 -1.47 5.53
C THR A 92 1.50 0.01 5.51
N THR A 93 0.75 0.82 6.26
CA THR A 93 1.01 2.24 6.32
C THR A 93 0.56 2.88 7.63
N ALA A 94 1.39 3.76 8.16
CA ALA A 94 1.05 4.51 9.37
C ALA A 94 0.19 5.69 8.89
N CYS A 95 -0.78 6.09 9.70
CA CYS A 95 -1.65 7.20 9.32
C CYS A 95 -2.24 7.92 10.53
N GLY A 96 -2.78 9.10 10.28
CA GLY A 96 -3.41 9.87 11.33
C GLY A 96 -4.91 9.67 11.23
N SER A 97 -5.61 9.74 12.36
CA SER A 97 -7.07 9.59 12.37
C SER A 97 -7.78 10.94 12.32
N LEU A 98 -8.79 11.04 11.46
CA LEU A 98 -9.61 12.25 11.32
C LEU A 98 -11.02 12.01 11.81
N ARG A 99 -11.23 10.90 12.53
CA ARG A 99 -12.55 10.53 13.07
C ARG A 99 -12.42 10.02 14.50
N GLU A 100 -13.30 10.50 15.37
CA GLU A 100 -13.30 10.11 16.78
C GLU A 100 -13.31 8.58 16.98
N GLU A 101 -14.16 7.87 16.24
CA GLU A 101 -14.26 6.41 16.36
C GLU A 101 -13.02 5.63 15.90
N ILE A 102 -12.15 6.26 15.12
CA ILE A 102 -10.91 5.62 14.69
C ILE A 102 -9.84 5.98 15.72
N GLN A 103 -9.63 5.09 16.68
CA GLN A 103 -8.67 5.32 17.76
C GLN A 103 -7.26 4.86 17.42
N PRO A 104 -6.22 5.51 17.99
CA PRO A 104 -4.83 5.11 17.71
C PRO A 104 -4.69 3.64 18.09
N GLY A 105 -4.09 2.86 17.19
CA GLY A 105 -3.93 1.44 17.42
C GLY A 105 -4.90 0.63 16.56
N ASP A 106 -5.97 1.28 16.10
CA ASP A 106 -6.98 0.65 15.24
C ASP A 106 -6.44 0.42 13.82
N ILE A 107 -6.99 -0.58 13.15
CA ILE A 107 -6.63 -0.89 11.78
C ILE A 107 -7.79 -0.41 10.92
N VAL A 108 -7.49 0.11 9.72
CA VAL A 108 -8.51 0.58 8.79
C VAL A 108 -8.22 -0.03 7.42
N ILE A 109 -9.17 -0.80 6.90
CA ILE A 109 -9.00 -1.42 5.58
C ILE A 109 -9.62 -0.41 4.59
N ILE A 110 -8.82 0.58 4.19
CA ILE A 110 -9.28 1.65 3.30
C ILE A 110 -9.85 1.21 1.96
N ASP A 111 -10.83 1.97 1.47
CA ASP A 111 -11.48 1.67 0.19
C ASP A 111 -11.51 2.83 -0.80
N GLN A 112 -11.10 4.02 -0.37
CA GLN A 112 -11.08 5.21 -1.23
C GLN A 112 -9.91 6.12 -0.85
N PHE A 113 -9.60 7.06 -1.74
CA PHE A 113 -8.54 8.03 -1.47
C PHE A 113 -8.84 9.41 -2.07
N ILE A 114 -8.19 10.43 -1.52
CA ILE A 114 -8.27 11.81 -2.01
C ILE A 114 -6.82 12.27 -2.17
N ASP A 115 -6.45 12.64 -3.39
CA ASP A 115 -5.09 13.07 -3.70
C ASP A 115 -4.79 14.55 -3.36
N ARG A 116 -3.75 14.76 -2.57
CA ARG A 116 -3.28 16.10 -2.21
C ARG A 116 -1.77 16.20 -2.49
N THR A 117 -1.24 15.24 -3.25
CA THR A 117 0.18 15.25 -3.61
C THR A 117 0.38 16.17 -4.81
N THR A 118 1.61 16.63 -5.04
CA THR A 118 1.89 17.54 -6.14
C THR A 118 3.09 17.21 -7.03
N MET A 119 4.17 16.67 -6.46
CA MET A 119 5.36 16.39 -7.26
C MET A 119 5.63 14.91 -7.56
N ARG A 120 4.59 14.14 -7.84
CA ARG A 120 4.78 12.71 -8.08
C ARG A 120 4.27 12.11 -9.37
N PRO A 121 5.12 11.37 -10.10
CA PRO A 121 4.75 10.70 -11.37
C PRO A 121 3.71 9.64 -11.00
N GLN A 122 2.56 9.67 -11.66
CA GLN A 122 1.49 8.71 -11.35
C GLN A 122 1.19 7.68 -12.43
N SER A 123 2.04 7.61 -13.44
CA SER A 123 1.85 6.65 -14.54
C SER A 123 3.16 6.11 -15.09
N PHE A 124 3.11 4.88 -15.61
CA PHE A 124 4.27 4.25 -16.22
C PHE A 124 4.39 4.78 -17.65
N TYR A 125 3.26 5.20 -18.20
CA TYR A 125 3.18 5.70 -19.57
C TYR A 125 3.49 7.18 -19.69
N ASP A 126 4.76 7.53 -19.48
CA ASP A 126 5.21 8.92 -19.57
C ASP A 126 5.82 9.26 -20.93
N GLY A 127 5.62 8.38 -21.90
CA GLY A 127 6.14 8.59 -23.23
C GLY A 127 7.65 8.66 -23.35
N SER A 128 8.37 7.99 -22.47
CA SER A 128 9.82 8.00 -22.50
C SER A 128 10.45 6.65 -22.14
N HIS A 129 9.63 5.60 -22.17
CA HIS A 129 10.10 4.24 -21.87
C HIS A 129 9.46 3.25 -22.85
N SER A 130 10.31 2.45 -23.48
CA SER A 130 9.88 1.46 -24.47
C SER A 130 8.85 0.46 -23.95
N CYS A 131 9.04 0.03 -22.71
CA CYS A 131 8.17 -0.95 -22.04
C CYS A 131 6.71 -0.55 -21.84
N ALA A 132 6.45 0.75 -21.80
CA ALA A 132 5.10 1.28 -21.62
C ALA A 132 4.85 2.42 -22.60
N ARG A 133 4.37 2.09 -23.80
CA ARG A 133 4.11 3.10 -24.83
C ARG A 133 2.64 3.47 -24.98
N GLY A 134 2.41 4.74 -25.29
CA GLY A 134 1.05 5.24 -25.46
C GLY A 134 0.63 6.11 -24.27
N VAL A 135 -0.67 6.41 -24.22
CA VAL A 135 -1.24 7.22 -23.15
C VAL A 135 -2.23 6.38 -22.36
N CYS A 136 -2.03 6.30 -21.05
CA CYS A 136 -2.92 5.50 -20.22
C CYS A 136 -3.79 6.31 -19.28
N HIS A 137 -5.11 6.11 -19.40
CA HIS A 137 -6.10 6.77 -18.54
C HIS A 137 -6.78 5.66 -17.72
N ILE A 138 -6.15 5.26 -16.62
CA ILE A 138 -6.66 4.19 -15.77
C ILE A 138 -7.86 4.59 -14.89
N PRO A 139 -8.92 3.76 -14.85
CA PRO A 139 -10.11 4.04 -14.04
C PRO A 139 -9.76 3.93 -12.54
N MET A 140 -10.36 4.79 -11.72
CA MET A 140 -10.09 4.80 -10.28
C MET A 140 -11.32 4.78 -9.40
N ALA A 141 -12.48 4.39 -9.95
CA ALA A 141 -13.72 4.34 -9.17
C ALA A 141 -13.59 3.42 -7.94
N GLU A 142 -12.95 2.26 -8.14
CA GLU A 142 -12.70 1.29 -7.08
C GLU A 142 -11.19 1.00 -7.09
N PRO A 143 -10.40 1.87 -6.42
CA PRO A 143 -8.94 1.74 -6.35
C PRO A 143 -8.36 0.48 -5.70
N PHE A 144 -9.05 -0.07 -4.69
CA PHE A 144 -8.55 -1.25 -3.98
C PHE A 144 -9.31 -2.54 -4.29
N CYS A 145 -8.59 -3.66 -4.33
CA CYS A 145 -9.18 -4.97 -4.62
C CYS A 145 -10.23 -5.40 -3.58
N PRO A 146 -11.51 -5.45 -3.98
CA PRO A 146 -12.56 -5.84 -3.03
C PRO A 146 -12.45 -7.24 -2.42
N LYS A 147 -11.97 -8.21 -3.18
CA LYS A 147 -11.81 -9.59 -2.69
C LYS A 147 -10.73 -9.69 -1.62
N THR A 148 -9.61 -9.02 -1.85
CA THR A 148 -8.52 -9.03 -0.87
C THR A 148 -8.95 -8.29 0.40
N ARG A 149 -9.65 -7.17 0.23
CA ARG A 149 -10.13 -6.41 1.38
C ARG A 149 -11.10 -7.26 2.22
N GLU A 150 -11.94 -8.04 1.55
CA GLU A 150 -12.91 -8.91 2.22
C GLU A 150 -12.20 -9.95 3.12
N VAL A 151 -11.12 -10.54 2.62
CA VAL A 151 -10.36 -11.53 3.38
C VAL A 151 -9.65 -10.88 4.56
N LEU A 152 -9.13 -9.67 4.37
CA LEU A 152 -8.45 -8.94 5.45
C LEU A 152 -9.42 -8.60 6.58
N ILE A 153 -10.63 -8.17 6.22
CA ILE A 153 -11.67 -7.83 7.18
C ILE A 153 -12.13 -9.04 8.01
N GLU A 154 -12.38 -10.16 7.33
CA GLU A 154 -12.82 -11.39 7.99
C GLU A 154 -11.72 -11.94 8.92
N THR A 155 -10.47 -11.86 8.48
CA THR A 155 -9.34 -12.34 9.27
C THR A 155 -9.13 -11.51 10.53
N ALA A 156 -9.29 -10.19 10.42
CA ALA A 156 -9.13 -9.30 11.57
C ALA A 156 -10.19 -9.65 12.62
N LYS A 157 -11.36 -10.04 12.13
CA LYS A 157 -12.48 -10.43 12.99
C LYS A 157 -12.15 -11.73 13.74
N LYS A 158 -11.59 -12.70 13.03
CA LYS A 158 -11.21 -13.98 13.65
C LYS A 158 -10.11 -13.77 14.68
N LEU A 159 -9.29 -12.73 14.47
CA LEU A 159 -8.20 -12.40 15.39
C LEU A 159 -8.65 -11.53 16.55
N GLY A 160 -9.90 -11.05 16.49
CA GLY A 160 -10.44 -10.21 17.55
C GLY A 160 -9.90 -8.79 17.60
N LEU A 161 -9.34 -8.32 16.50
CA LEU A 161 -8.75 -6.98 16.42
C LEU A 161 -9.74 -5.85 16.10
N ARG A 162 -9.50 -4.67 16.66
CA ARG A 162 -10.34 -3.50 16.38
C ARG A 162 -9.97 -3.13 14.94
N CYS A 163 -10.96 -3.20 14.05
CA CYS A 163 -10.74 -2.96 12.62
C CYS A 163 -11.95 -2.31 11.95
N HIS A 164 -11.69 -1.29 11.13
CA HIS A 164 -12.76 -0.60 10.40
C HIS A 164 -12.83 -1.14 8.97
N SER A 165 -14.05 -1.48 8.55
CA SER A 165 -14.34 -2.07 7.24
C SER A 165 -14.14 -1.22 6.00
N LYS A 166 -14.03 0.09 6.19
CA LYS A 166 -13.82 1.00 5.06
C LYS A 166 -13.25 2.32 5.57
N GLY A 167 -12.87 3.19 4.64
CA GLY A 167 -12.32 4.48 5.02
C GLY A 167 -11.64 5.19 3.86
N THR A 168 -11.72 6.52 3.87
CA THR A 168 -11.10 7.33 2.82
C THR A 168 -9.79 7.94 3.31
N MET A 169 -8.71 7.64 2.58
CA MET A 169 -7.38 8.13 2.92
C MET A 169 -6.98 9.37 2.10
N VAL A 170 -6.69 10.48 2.79
CA VAL A 170 -6.21 11.66 2.07
C VAL A 170 -4.68 11.60 2.16
N THR A 171 -4.02 11.62 1.00
CA THR A 171 -2.56 11.57 0.93
C THR A 171 -1.97 12.94 0.63
N ILE A 172 -1.22 13.48 1.59
CA ILE A 172 -0.59 14.80 1.45
C ILE A 172 0.84 14.65 0.95
N GLU A 173 1.37 15.73 0.37
CA GLU A 173 2.73 15.68 -0.16
C GLU A 173 3.80 15.51 0.91
N GLY A 174 3.67 16.23 2.02
CA GLY A 174 4.65 16.15 3.08
C GLY A 174 5.94 16.88 2.68
N PRO A 175 7.05 16.71 3.42
CA PRO A 175 7.14 15.87 4.62
C PRO A 175 6.51 16.46 5.89
N ARG A 176 6.13 17.74 5.85
CA ARG A 176 5.49 18.39 7.00
C ARG A 176 4.11 17.79 7.30
N PHE A 177 3.67 17.92 8.54
CA PHE A 177 2.33 17.48 8.92
C PHE A 177 1.38 18.61 8.51
N SER A 178 0.08 18.36 8.56
CA SER A 178 -0.91 19.38 8.17
C SER A 178 -1.12 20.47 9.22
N SER A 179 -1.61 21.63 8.79
CA SER A 179 -1.93 22.71 9.71
C SER A 179 -3.32 22.37 10.27
N ARG A 180 -3.76 23.07 11.32
CA ARG A 180 -5.08 22.78 11.88
C ARG A 180 -6.21 23.13 10.90
N ALA A 181 -6.05 24.23 10.15
CA ALA A 181 -7.06 24.63 9.17
C ALA A 181 -7.19 23.53 8.09
N GLU A 182 -6.06 22.95 7.68
CA GLU A 182 -6.07 21.88 6.68
C GLU A 182 -6.76 20.63 7.26
N SER A 183 -6.40 20.29 8.49
CA SER A 183 -6.98 19.14 9.18
C SER A 183 -8.52 19.21 9.21
N PHE A 184 -9.07 20.35 9.60
CA PHE A 184 -10.52 20.51 9.64
C PHE A 184 -11.15 20.47 8.23
N MET A 185 -10.44 21.04 7.26
CA MET A 185 -10.91 21.05 5.87
C MET A 185 -11.03 19.63 5.31
N PHE A 186 -10.03 18.79 5.58
CA PHE A 186 -10.03 17.40 5.13
C PHE A 186 -11.25 16.63 5.65
N ARG A 187 -11.65 16.90 6.89
CA ARG A 187 -12.83 16.27 7.49
C ARG A 187 -14.11 16.61 6.73
N THR A 188 -14.25 17.88 6.33
CA THR A 188 -15.44 18.31 5.59
C THR A 188 -15.47 17.71 4.19
N TRP A 189 -14.32 17.30 3.67
CA TRP A 189 -14.22 16.68 2.34
C TRP A 189 -14.60 15.19 2.36
N GLY A 190 -14.73 14.63 3.55
CA GLY A 190 -15.09 13.22 3.68
C GLY A 190 -13.93 12.28 3.99
N ALA A 191 -12.75 12.82 4.27
CA ALA A 191 -11.58 11.99 4.60
C ALA A 191 -11.71 11.42 6.02
N ASP A 192 -11.22 10.19 6.21
CA ASP A 192 -11.28 9.51 7.50
C ASP A 192 -9.92 9.32 8.14
N VAL A 193 -8.89 9.14 7.31
CA VAL A 193 -7.51 8.95 7.76
C VAL A 193 -6.57 9.73 6.84
N ILE A 194 -5.35 9.98 7.31
CA ILE A 194 -4.38 10.77 6.55
C ILE A 194 -2.94 10.22 6.57
N ASN A 195 -2.29 10.21 5.41
CA ASN A 195 -0.92 9.73 5.29
C ASN A 195 -0.15 10.45 4.18
N MET A 196 1.04 9.94 3.84
CA MET A 196 1.86 10.57 2.81
C MET A 196 2.31 9.61 1.70
N THR A 197 1.78 8.39 1.68
CA THR A 197 2.25 7.40 0.69
C THR A 197 1.25 6.57 -0.14
N THR A 198 -0.05 6.65 0.13
CA THR A 198 -1.02 5.84 -0.63
C THR A 198 -1.01 6.19 -2.12
N VAL A 199 -0.98 7.48 -2.44
CA VAL A 199 -0.93 7.93 -3.84
C VAL A 199 0.53 8.29 -4.09
N PRO A 200 1.11 7.88 -5.24
CA PRO A 200 0.57 7.12 -6.38
C PRO A 200 0.72 5.59 -6.36
N GLU A 201 1.11 5.03 -5.21
CA GLU A 201 1.32 3.58 -5.11
C GLU A 201 0.10 2.78 -5.60
N VAL A 202 -1.10 3.16 -5.14
CA VAL A 202 -2.33 2.47 -5.53
C VAL A 202 -2.63 2.61 -7.03
N VAL A 203 -2.31 3.78 -7.59
CA VAL A 203 -2.55 4.09 -9.00
C VAL A 203 -1.69 3.23 -9.93
N LEU A 204 -0.40 3.17 -9.62
CA LEU A 204 0.55 2.39 -10.42
C LEU A 204 0.26 0.87 -10.35
N ALA A 205 -0.24 0.40 -9.20
CA ALA A 205 -0.58 -1.02 -9.04
C ALA A 205 -1.72 -1.38 -10.00
N LYS A 206 -2.69 -0.47 -10.11
CA LYS A 206 -3.83 -0.66 -10.99
C LYS A 206 -3.35 -0.73 -12.44
N GLU A 207 -2.45 0.17 -12.83
CA GLU A 207 -1.92 0.16 -14.20
C GLU A 207 -1.22 -1.16 -14.52
N ALA A 208 -0.61 -1.78 -13.51
CA ALA A 208 0.10 -3.03 -13.67
C ALA A 208 -0.79 -4.28 -13.64
N GLY A 209 -2.08 -4.10 -13.39
CA GLY A 209 -3.00 -5.21 -13.35
C GLY A 209 -2.86 -6.07 -12.10
N ILE A 210 -2.39 -5.46 -11.01
CA ILE A 210 -2.19 -6.16 -9.74
C ILE A 210 -3.30 -5.88 -8.72
N CYS A 211 -3.69 -6.89 -7.95
CA CYS A 211 -4.69 -6.75 -6.90
C CYS A 211 -3.99 -6.07 -5.73
N TYR A 212 -4.40 -4.83 -5.43
CA TYR A 212 -3.77 -4.03 -4.38
C TYR A 212 -4.70 -3.76 -3.20
N ALA A 213 -4.19 -3.95 -1.98
CA ALA A 213 -4.96 -3.68 -0.77
C ALA A 213 -4.03 -3.05 0.27
N SER A 214 -4.59 -2.26 1.18
CA SER A 214 -3.80 -1.57 2.18
C SER A 214 -4.28 -1.71 3.62
N ILE A 215 -3.33 -2.02 4.51
CA ILE A 215 -3.59 -2.16 5.94
C ILE A 215 -3.10 -0.87 6.59
N ALA A 216 -4.02 0.04 6.88
CA ALA A 216 -3.70 1.31 7.50
C ALA A 216 -3.78 1.20 9.02
N MET A 217 -2.74 1.67 9.70
CA MET A 217 -2.69 1.64 11.17
C MET A 217 -2.69 3.06 11.75
N ALA A 218 -3.77 3.42 12.44
CA ALA A 218 -3.87 4.76 13.05
C ALA A 218 -2.87 4.89 14.20
N THR A 219 -2.09 5.97 14.17
CA THR A 219 -1.07 6.22 15.17
C THR A 219 -1.28 7.48 16.02
N ASP A 220 -2.26 8.31 15.63
CA ASP A 220 -2.55 9.57 16.30
C ASP A 220 -3.83 10.19 15.76
N TYR A 221 -4.26 11.32 16.34
CA TYR A 221 -5.46 12.03 15.91
C TYR A 221 -5.14 13.33 15.12
N ASP A 222 -4.01 13.35 14.42
CA ASP A 222 -3.58 14.53 13.66
C ASP A 222 -3.60 15.77 14.57
N CYS A 223 -4.33 16.83 14.22
CA CYS A 223 -4.37 18.01 15.09
C CYS A 223 -5.71 18.74 15.21
N TRP A 224 -6.79 18.10 14.75
CA TRP A 224 -8.13 18.68 14.81
C TRP A 224 -8.78 18.53 16.20
N ALA A 230 -1.34 17.77 18.13
CA ALA A 230 -0.53 17.00 19.12
C ALA A 230 0.32 15.90 18.46
N VAL A 231 0.16 15.71 17.15
CA VAL A 231 0.95 14.72 16.42
C VAL A 231 2.42 15.13 16.33
N SER A 232 3.30 14.14 16.41
CA SER A 232 4.75 14.36 16.32
C SER A 232 5.40 13.04 15.94
N VAL A 233 6.64 13.10 15.45
CA VAL A 233 7.37 11.90 15.06
C VAL A 233 7.52 10.90 16.22
N ASP A 234 7.83 11.39 17.42
CA ASP A 234 7.98 10.52 18.59
C ASP A 234 6.68 9.80 18.96
N ARG A 235 5.56 10.51 18.85
CA ARG A 235 4.24 9.95 19.14
C ARG A 235 3.87 8.85 18.13
N VAL A 236 4.19 9.10 16.85
CA VAL A 236 3.91 8.14 15.78
C VAL A 236 4.73 6.85 15.99
N LEU A 237 6.03 7.01 16.19
CA LEU A 237 6.93 5.87 16.38
C LEU A 237 6.57 5.06 17.62
N LYS A 238 6.11 5.73 18.67
CA LYS A 238 5.72 5.08 19.91
C LYS A 238 4.50 4.17 19.72
N THR A 239 3.48 4.68 19.03
CA THR A 239 2.28 3.90 18.79
C THR A 239 2.53 2.70 17.87
N LEU A 240 3.43 2.87 16.91
CA LEU A 240 3.77 1.80 15.97
C LEU A 240 4.49 0.65 16.70
N LYS A 241 5.41 1.01 17.59
CA LYS A 241 6.16 0.03 18.35
C LYS A 241 5.21 -0.84 19.17
N GLU A 242 4.21 -0.20 19.77
CA GLU A 242 3.22 -0.90 20.59
C GLU A 242 2.22 -1.77 19.83
N ASN A 243 1.94 -1.42 18.58
CA ASN A 243 0.94 -2.14 17.78
C ASN A 243 1.41 -2.89 16.52
N ALA A 244 2.69 -2.86 16.20
CA ALA A 244 3.20 -3.53 15.01
C ALA A 244 2.88 -5.01 14.92
N ASN A 245 2.77 -5.67 16.07
CA ASN A 245 2.47 -7.10 16.12
C ASN A 245 1.12 -7.44 15.47
N LYS A 246 0.21 -6.47 15.48
CA LYS A 246 -1.13 -6.66 14.90
C LYS A 246 -1.07 -6.83 13.39
N ALA A 247 -0.35 -5.94 12.71
CA ALA A 247 -0.21 -5.99 11.26
C ALA A 247 0.52 -7.27 10.85
N LYS A 248 1.52 -7.66 11.64
CA LYS A 248 2.27 -8.87 11.36
C LYS A 248 1.36 -10.09 11.46
N SER A 249 0.57 -10.19 12.54
CA SER A 249 -0.36 -11.31 12.73
C SER A 249 -1.42 -11.35 11.64
N LEU A 250 -1.93 -10.18 11.24
CA LEU A 250 -2.95 -10.08 10.19
C LEU A 250 -2.42 -10.61 8.85
N LEU A 251 -1.19 -10.22 8.49
CA LEU A 251 -0.59 -10.67 7.24
C LEU A 251 -0.31 -12.18 7.23
N LEU A 252 0.25 -12.69 8.33
CA LEU A 252 0.56 -14.10 8.46
C LEU A 252 -0.67 -15.01 8.36
N THR A 253 -1.80 -14.53 8.88
CA THR A 253 -3.05 -15.29 8.89
C THR A 253 -3.86 -15.09 7.59
N THR A 254 -3.75 -13.92 6.97
CA THR A 254 -4.48 -13.62 5.75
C THR A 254 -3.91 -14.29 4.49
N ILE A 255 -2.60 -14.22 4.33
CA ILE A 255 -1.90 -14.77 3.17
C ILE A 255 -2.21 -16.23 2.77
N PRO A 256 -2.20 -17.19 3.72
CA PRO A 256 -2.49 -18.58 3.36
C PRO A 256 -3.94 -18.71 2.88
N GLN A 257 -4.82 -17.85 3.39
CA GLN A 257 -6.22 -17.83 3.02
C GLN A 257 -6.37 -17.40 1.55
N ILE A 258 -5.60 -16.39 1.15
CA ILE A 258 -5.62 -15.88 -0.22
C ILE A 258 -5.10 -16.96 -1.19
N GLY A 259 -4.08 -17.69 -0.74
CA GLY A 259 -3.49 -18.74 -1.55
C GLY A 259 -4.34 -19.99 -1.69
N SER A 260 -5.47 -20.05 -0.98
CA SER A 260 -6.34 -21.22 -1.04
C SER A 260 -7.61 -20.99 -1.88
N THR A 261 -7.80 -19.77 -2.37
CA THR A 261 -8.97 -19.44 -3.18
C THR A 261 -8.62 -19.15 -4.63
N GLU A 262 -9.65 -19.10 -5.49
CA GLU A 262 -9.48 -18.85 -6.92
C GLU A 262 -9.42 -17.37 -7.28
N TRP A 263 -8.45 -17.03 -8.14
CA TRP A 263 -8.24 -15.64 -8.56
C TRP A 263 -8.15 -15.45 -10.08
N SER A 264 -8.33 -16.54 -10.83
CA SER A 264 -8.25 -16.46 -12.29
C SER A 264 -9.13 -15.40 -12.94
N GLU A 265 -10.41 -15.40 -12.60
CA GLU A 265 -11.36 -14.44 -13.17
C GLU A 265 -11.07 -13.00 -12.74
N THR A 266 -10.70 -12.81 -11.48
CA THR A 266 -10.38 -11.49 -10.93
C THR A 266 -9.15 -10.89 -11.62
N LEU A 267 -8.10 -11.70 -11.77
CA LEU A 267 -6.87 -11.25 -12.41
C LEU A 267 -7.06 -10.96 -13.90
N HIS A 268 -7.97 -11.71 -14.53
CA HIS A 268 -8.28 -11.52 -15.95
C HIS A 268 -8.94 -10.17 -16.17
N ASN A 269 -9.91 -9.83 -15.33
CA ASN A 269 -10.62 -8.56 -15.42
C ASN A 269 -9.69 -7.37 -15.20
N LEU A 270 -8.74 -7.52 -14.26
CA LEU A 270 -7.78 -6.45 -13.97
C LEU A 270 -6.86 -6.24 -15.16
N LYS A 271 -6.48 -7.33 -15.80
CA LYS A 271 -5.61 -7.30 -16.96
C LYS A 271 -6.31 -6.58 -18.12
N ASN A 272 -7.60 -6.87 -18.31
CA ASN A 272 -8.40 -6.26 -19.38
C ASN A 272 -8.54 -4.75 -19.17
N MET A 273 -8.87 -4.36 -17.94
CA MET A 273 -9.04 -2.94 -17.60
C MET A 273 -7.76 -2.15 -17.86
N ALA A 274 -6.63 -2.75 -17.52
CA ALA A 274 -5.33 -2.12 -17.70
C ALA A 274 -4.94 -1.97 -19.17
N GLN A 275 -5.21 -3.02 -19.95
CA GLN A 275 -4.89 -3.05 -21.37
C GLN A 275 -5.76 -2.11 -22.20
N PHE A 276 -7.05 -2.07 -21.90
CA PHE A 276 -8.00 -1.23 -22.63
C PHE A 276 -8.03 0.25 -22.20
N SER A 277 -7.11 0.63 -21.32
CA SER A 277 -6.99 2.01 -20.84
C SER A 277 -5.88 2.74 -21.59
N VAL A 278 -5.14 1.99 -22.42
CA VAL A 278 -4.04 2.55 -23.19
C VAL A 278 -4.45 2.96 -24.60
N LEU A 279 -4.08 4.18 -24.97
CA LEU A 279 -4.34 4.74 -26.30
C LEU A 279 -3.06 4.66 -27.12
N LEU A 280 -3.09 3.90 -28.21
CA LEU A 280 -1.93 3.74 -29.09
C LEU A 280 -2.01 4.71 -30.27
N PRO A 281 -0.86 5.09 -30.84
CA PRO A 281 -0.76 6.00 -31.99
C PRO A 281 -1.61 5.60 -33.20
S SO4 B . 4.30 4.97 5.60
O1 SO4 B . 3.07 5.55 5.03
O2 SO4 B . 3.94 3.97 6.69
O3 SO4 B . 5.16 4.25 4.52
O4 SO4 B . 5.20 6.09 6.12
CS MTA C . 6.93 9.17 10.61
S5' MTA C . 5.52 10.27 10.98
C5' MTA C . 4.85 10.52 9.30
C4' MTA C . 4.91 9.26 8.46
O4' MTA C . 3.86 8.38 8.95
C2' MTA C . 3.08 9.31 6.92
O2' MTA C . 2.72 8.47 5.75
C3' MTA C . 4.65 9.49 6.98
O3' MTA C . 5.36 8.50 6.14
C1' MTA C . 2.61 8.62 8.25
N9 MTA C . 1.65 9.47 9.20
C8 MTA C . 1.29 9.14 10.49
N7 MTA C . 0.49 10.00 11.08
C5 MTA C . 0.29 10.98 10.12
C6 MTA C . -0.45 12.18 10.11
N6 MTA C . -1.16 12.60 11.15
N1 MTA C . -0.41 12.91 8.96
C2 MTA C . 0.30 12.49 7.91
N3 MTA C . 1.04 11.38 7.82
C4 MTA C . 0.99 10.67 8.97
#